data_3RHY
#
_entry.id   3RHY
#
_cell.length_a   45.800
_cell.length_b   73.280
_cell.length_c   149.530
_cell.angle_alpha   90.00
_cell.angle_beta   90.00
_cell.angle_gamma   90.00
#
_symmetry.space_group_name_H-M   'P 21 21 21'
#
loop_
_entity.id
_entity.type
_entity.pdbx_description
1 polymer 'N(G),N(G)-dimethylarginine dimethylaminohydrolase'
2 non-polymer (4-chloropyridin-2-yl)methanol
3 water water
#
_entity_poly.entity_id   1
_entity_poly.type   'polypeptide(L)'
_entity_poly.pdbx_seq_one_letter_code
;MFKHIIARTPARSLVDGLTSSHLGKPDYAKALEQHNAYIRALQTCDVDITLLPPDERFPDSVFVEDPVLCTSRCAIITRP
GAESRRGETEIIEETVQRFYPGKVERIEAPGTVEAGDIMMVGDHFYIGESARTNAEGARQMIAILEKHGLSGSVVRLEKV
LHLKTGLAYLEHNNLLAAGEFVSKPEFQDFNIIEIPEEESYAANCIWVNERVIMPAGYPRTREKIARLGYRVIEVDTSEY
RKIDGGVSCMSLRF
;
_entity_poly.pdbx_strand_id   A,B
#
loop_
_chem_comp.id
_chem_comp.type
_chem_comp.name
_chem_comp.formula
HM3 non-polymer (4-chloropyridin-2-yl)methanol 'C6 H6 Cl N O'
#
# COMPACT_ATOMS: atom_id res chain seq x y z
N MET A 1 3.17 7.07 18.25
CA MET A 1 2.95 7.38 16.81
C MET A 1 2.61 6.15 15.97
N PHE A 2 2.21 6.39 14.72
CA PHE A 2 1.81 5.33 13.81
C PHE A 2 2.91 4.85 12.86
N LYS A 3 2.84 3.58 12.48
CA LYS A 3 3.79 2.98 11.56
C LYS A 3 3.06 2.43 10.34
N HIS A 4 1.79 2.07 10.51
CA HIS A 4 1.03 1.47 9.43
C HIS A 4 -0.33 2.05 9.10
N ILE A 5 -0.63 2.07 7.81
CA ILE A 5 -1.90 2.56 7.31
C ILE A 5 -2.51 1.47 6.44
N ILE A 6 -3.82 1.27 6.58
CA ILE A 6 -4.52 0.30 5.75
C ILE A 6 -5.65 1.10 5.11
N ALA A 7 -5.83 0.93 3.81
CA ALA A 7 -6.86 1.64 3.07
C ALA A 7 -7.36 0.68 1.99
N ARG A 8 -8.48 1.04 1.36
CA ARG A 8 -8.99 0.18 0.29
C ARG A 8 -9.51 1.04 -0.83
N THR A 9 -9.09 0.71 -2.04
CA THR A 9 -9.52 1.41 -3.22
C THR A 9 -11.05 1.36 -3.26
N PRO A 10 -11.69 2.49 -3.61
CA PRO A 10 -13.16 2.54 -3.66
C PRO A 10 -13.67 1.76 -4.88
N ALA A 11 -14.82 1.12 -4.72
CA ALA A 11 -15.39 0.35 -5.82
C ALA A 11 -16.29 1.23 -6.67
N ARG A 12 -16.58 0.77 -7.88
CA ARG A 12 -17.45 1.51 -8.79
C ARG A 12 -18.87 1.54 -8.23
N SER A 13 -19.23 0.50 -7.48
CA SER A 13 -20.56 0.38 -6.89
C SER A 13 -20.78 1.38 -5.75
N LEU A 14 -19.77 2.20 -5.49
CA LEU A 14 -19.83 3.21 -4.45
C LEU A 14 -20.93 4.23 -4.78
N VAL A 15 -21.04 4.58 -6.06
CA VAL A 15 -22.00 5.56 -6.54
C VAL A 15 -23.47 5.22 -6.28
N ASP A 16 -23.80 3.93 -6.22
CA ASP A 16 -25.19 3.52 -5.98
C ASP A 16 -25.63 3.90 -4.57
N LEU A 23 -26.16 14.99 -0.48
CA LEU A 23 -25.97 16.12 -1.38
C LEU A 23 -25.68 15.64 -2.80
N GLY A 24 -26.31 14.54 -3.19
CA GLY A 24 -26.11 13.99 -4.52
C GLY A 24 -25.32 12.70 -4.48
N LYS A 25 -25.30 11.95 -5.58
CA LYS A 25 -24.56 10.70 -5.64
C LYS A 25 -23.12 10.98 -6.08
N PRO A 26 -22.16 10.21 -5.55
CA PRO A 26 -20.75 10.39 -5.90
C PRO A 26 -20.41 9.99 -7.33
N ASP A 27 -19.48 10.72 -7.95
CA ASP A 27 -19.03 10.40 -9.30
C ASP A 27 -17.81 9.52 -9.05
N TYR A 28 -17.80 8.32 -9.62
CA TYR A 28 -16.69 7.40 -9.43
C TYR A 28 -15.32 7.98 -9.79
N ALA A 29 -15.13 8.34 -11.04
CA ALA A 29 -13.86 8.90 -11.49
C ALA A 29 -13.36 9.99 -10.52
N LYS A 30 -14.24 10.94 -10.20
CA LYS A 30 -13.88 12.01 -9.28
C LYS A 30 -13.47 11.44 -7.91
N ALA A 31 -14.28 10.51 -7.39
CA ALA A 31 -14.02 9.89 -6.10
C ALA A 31 -12.71 9.10 -6.09
N LEU A 32 -12.37 8.54 -7.23
CA LEU A 32 -11.15 7.75 -7.35
C LEU A 32 -9.94 8.66 -7.20
N GLU A 33 -10.00 9.84 -7.80
CA GLU A 33 -8.90 10.79 -7.72
C GLU A 33 -8.69 11.32 -6.30
N GLN A 34 -9.78 11.63 -5.59
CA GLN A 34 -9.66 12.16 -4.23
C GLN A 34 -9.05 11.15 -3.29
N HIS A 35 -9.37 9.88 -3.53
CA HIS A 35 -8.85 8.81 -2.70
C HIS A 35 -7.34 8.67 -2.97
N ASN A 36 -6.94 8.87 -4.22
CA ASN A 36 -5.54 8.79 -4.59
C ASN A 36 -4.76 9.92 -3.90
N ALA A 37 -5.34 11.12 -3.89
CA ALA A 37 -4.71 12.28 -3.26
C ALA A 37 -4.63 12.06 -1.75
N TYR A 38 -5.61 11.37 -1.22
CA TYR A 38 -5.66 11.04 0.20
C TYR A 38 -4.46 10.14 0.50
N ILE A 39 -4.26 9.13 -0.33
CA ILE A 39 -3.15 8.20 -0.13
C ILE A 39 -1.82 8.95 -0.24
N ARG A 40 -1.67 9.73 -1.29
CA ARG A 40 -0.44 10.47 -1.50
C ARG A 40 -0.10 11.35 -0.31
N ALA A 41 -1.11 11.93 0.33
CA ALA A 41 -0.88 12.76 1.50
C ALA A 41 -0.33 11.89 2.63
N LEU A 42 -0.95 10.72 2.80
CA LEU A 42 -0.51 9.79 3.84
C LEU A 42 0.89 9.28 3.50
N GLN A 43 1.24 9.31 2.22
CA GLN A 43 2.55 8.85 1.78
C GLN A 43 3.70 9.69 2.32
N THR A 44 3.39 10.87 2.88
CA THR A 44 4.43 11.74 3.42
C THR A 44 4.47 11.72 4.94
N CYS A 45 3.68 10.86 5.56
CA CYS A 45 3.61 10.80 7.00
C CYS A 45 4.51 9.76 7.70
N ASP A 46 5.54 9.30 6.99
CA ASP A 46 6.47 8.32 7.54
C ASP A 46 5.77 7.08 8.10
N VAL A 47 4.93 6.48 7.27
CA VAL A 47 4.20 5.27 7.62
C VAL A 47 4.14 4.47 6.33
N ASP A 48 3.92 3.17 6.42
CA ASP A 48 3.79 2.42 5.19
C ASP A 48 2.29 2.28 4.97
N ILE A 49 1.89 2.13 3.71
CA ILE A 49 0.49 2.02 3.36
C ILE A 49 0.16 0.68 2.70
N THR A 50 -0.82 -0.02 3.24
CA THR A 50 -1.26 -1.29 2.68
C THR A 50 -2.59 -0.96 2.03
N LEU A 51 -2.55 -0.82 0.71
CA LEU A 51 -3.72 -0.45 -0.07
C LEU A 51 -4.40 -1.69 -0.67
N LEU A 52 -5.55 -2.03 -0.11
CA LEU A 52 -6.31 -3.20 -0.57
C LEU A 52 -7.07 -2.93 -1.86
N PRO A 53 -7.37 -4.00 -2.60
CA PRO A 53 -8.10 -3.90 -3.87
C PRO A 53 -9.59 -3.60 -3.65
N PRO A 54 -10.23 -2.97 -4.64
CA PRO A 54 -11.65 -2.67 -4.49
C PRO A 54 -12.46 -3.96 -4.56
N ASP A 55 -13.62 -3.96 -3.93
CA ASP A 55 -14.49 -5.13 -3.92
C ASP A 55 -15.89 -4.62 -4.28
N GLU A 56 -16.29 -4.80 -5.55
CA GLU A 56 -17.58 -4.32 -6.04
C GLU A 56 -18.80 -4.80 -5.26
N ARG A 57 -18.63 -5.84 -4.45
CA ARG A 57 -19.73 -6.38 -3.66
C ARG A 57 -20.01 -5.53 -2.44
N PHE A 58 -19.07 -4.67 -2.08
CA PHE A 58 -19.24 -3.83 -0.91
C PHE A 58 -18.98 -2.37 -1.28
N PRO A 59 -20.02 -1.70 -1.79
CA PRO A 59 -19.95 -0.29 -2.20
C PRO A 59 -19.23 0.64 -1.22
N ASP A 60 -19.40 0.38 0.07
CA ASP A 60 -18.79 1.20 1.11
C ASP A 60 -17.49 0.64 1.70
N SER A 61 -16.97 -0.44 1.12
CA SER A 61 -15.74 -1.05 1.63
C SER A 61 -14.55 -0.09 1.70
N VAL A 62 -14.63 1.03 0.99
CA VAL A 62 -13.56 2.03 1.01
C VAL A 62 -13.37 2.57 2.42
N PHE A 63 -14.44 2.56 3.22
CA PHE A 63 -14.36 3.05 4.58
C PHE A 63 -13.91 1.93 5.50
N VAL A 64 -12.60 1.64 5.44
CA VAL A 64 -12.00 0.58 6.24
C VAL A 64 -11.97 0.84 7.73
N GLU A 65 -12.31 2.07 8.13
CA GLU A 65 -12.30 2.39 9.54
C GLU A 65 -13.32 1.56 10.33
N ASP A 66 -14.47 1.31 9.72
CA ASP A 66 -15.53 0.57 10.41
C ASP A 66 -15.37 -0.92 10.69
N PRO A 67 -14.86 -1.70 9.73
CA PRO A 67 -14.68 -3.15 9.93
C PRO A 67 -13.72 -3.56 11.04
N VAL A 68 -12.85 -2.65 11.48
CA VAL A 68 -11.88 -3.01 12.53
C VAL A 68 -11.40 -1.86 13.40
N LEU A 69 -11.00 -2.20 14.62
CA LEU A 69 -10.43 -1.24 15.55
C LEU A 69 -9.02 -1.75 15.84
N CYS A 70 -8.01 -1.00 15.40
CA CYS A 70 -6.64 -1.40 15.62
C CYS A 70 -6.04 -0.65 16.79
N THR A 71 -5.68 -1.39 17.84
CA THR A 71 -5.10 -0.77 19.01
C THR A 71 -3.60 -1.08 19.03
N SER A 72 -2.94 -0.69 20.10
CA SER A 72 -1.51 -0.90 20.26
C SER A 72 -1.21 -2.27 20.85
N ARG A 73 -2.25 -2.96 21.33
CA ARG A 73 -2.07 -4.27 21.94
C ARG A 73 -2.83 -5.41 21.25
N CYS A 74 -3.79 -5.05 20.41
CA CYS A 74 -4.57 -6.06 19.68
C CYS A 74 -5.46 -5.40 18.66
N ALA A 75 -6.01 -6.21 17.76
CA ALA A 75 -6.91 -5.71 16.75
C ALA A 75 -8.23 -6.40 17.02
N ILE A 76 -9.33 -5.67 16.86
CA ILE A 76 -10.63 -6.23 17.11
C ILE A 76 -11.50 -6.10 15.87
N ILE A 77 -11.91 -7.24 15.33
CA ILE A 77 -12.78 -7.28 14.15
C ILE A 77 -14.16 -6.91 14.70
N THR A 78 -14.77 -5.89 14.10
CA THR A 78 -16.08 -5.43 14.53
C THR A 78 -17.19 -6.17 13.81
N ARG A 79 -18.39 -5.61 13.84
CA ARG A 79 -19.54 -6.20 13.17
C ARG A 79 -20.50 -5.05 12.87
N PRO A 80 -20.40 -4.48 11.65
CA PRO A 80 -21.23 -3.35 11.18
C PRO A 80 -22.72 -3.49 11.40
N GLY A 81 -23.37 -2.36 11.68
CA GLY A 81 -24.80 -2.37 11.88
C GLY A 81 -25.45 -2.60 10.53
N ALA A 82 -24.89 -1.97 9.50
CA ALA A 82 -25.38 -2.10 8.14
C ALA A 82 -25.15 -3.53 7.69
N GLU A 83 -26.23 -4.24 7.36
CA GLU A 83 -26.10 -5.63 6.93
C GLU A 83 -25.31 -5.71 5.64
N SER A 84 -25.42 -4.69 4.79
CA SER A 84 -24.71 -4.69 3.51
C SER A 84 -23.22 -4.48 3.66
N ARG A 85 -22.77 -4.14 4.87
CA ARG A 85 -21.35 -3.91 5.12
C ARG A 85 -20.76 -4.99 6.00
N ARG A 86 -21.63 -5.76 6.63
CA ARG A 86 -21.21 -6.81 7.55
C ARG A 86 -20.12 -7.73 6.98
N GLY A 87 -20.26 -8.11 5.71
CA GLY A 87 -19.28 -8.99 5.10
C GLY A 87 -17.92 -8.36 4.82
N GLU A 88 -17.77 -7.08 5.15
CA GLU A 88 -16.50 -6.38 4.93
C GLU A 88 -15.43 -6.81 5.91
N THR A 89 -15.84 -7.43 7.01
CA THR A 89 -14.91 -7.89 8.02
C THR A 89 -14.12 -9.11 7.51
N GLU A 90 -14.75 -9.93 6.69
CA GLU A 90 -14.10 -11.13 6.15
C GLU A 90 -13.04 -10.81 5.11
N ILE A 91 -13.24 -9.75 4.34
CA ILE A 91 -12.27 -9.40 3.31
C ILE A 91 -11.10 -8.59 3.85
N ILE A 92 -11.08 -8.37 5.16
CA ILE A 92 -9.99 -7.61 5.78
C ILE A 92 -9.31 -8.39 6.89
N GLU A 93 -9.94 -9.48 7.32
CA GLU A 93 -9.42 -10.34 8.39
C GLU A 93 -7.96 -10.75 8.15
N GLU A 94 -7.67 -11.24 6.95
CA GLU A 94 -6.32 -11.70 6.60
C GLU A 94 -5.26 -10.61 6.74
N THR A 95 -5.59 -9.39 6.34
CA THR A 95 -4.64 -8.29 6.44
C THR A 95 -4.40 -8.02 7.92
N VAL A 96 -5.49 -7.97 8.69
CA VAL A 96 -5.39 -7.72 10.12
C VAL A 96 -4.53 -8.80 10.76
N GLN A 97 -4.80 -10.05 10.38
CA GLN A 97 -4.07 -11.20 10.91
C GLN A 97 -2.57 -11.04 10.72
N ARG A 98 -2.18 -10.58 9.54
CA ARG A 98 -0.77 -10.40 9.22
C ARG A 98 -0.08 -9.36 10.11
N PHE A 99 -0.83 -8.36 10.55
CA PHE A 99 -0.26 -7.32 11.42
C PHE A 99 -0.40 -7.65 12.88
N TYR A 100 -1.39 -8.46 13.23
CA TYR A 100 -1.63 -8.83 14.62
C TYR A 100 -1.68 -10.33 14.87
N PRO A 101 -0.64 -11.08 14.46
CA PRO A 101 -0.68 -12.53 14.70
C PRO A 101 -0.91 -12.89 16.17
N GLY A 102 -1.89 -13.75 16.41
CA GLY A 102 -2.21 -14.17 17.76
C GLY A 102 -2.71 -13.05 18.67
N LYS A 103 -3.11 -11.95 18.08
CA LYS A 103 -3.59 -10.80 18.84
C LYS A 103 -4.90 -10.24 18.27
N VAL A 104 -5.69 -11.10 17.63
CA VAL A 104 -6.96 -10.67 17.04
C VAL A 104 -8.16 -11.12 17.89
N GLU A 105 -9.08 -10.19 18.10
CA GLU A 105 -10.31 -10.44 18.86
C GLU A 105 -11.46 -10.04 17.94
N ARG A 106 -12.69 -10.30 18.35
CA ARG A 106 -13.83 -9.94 17.51
C ARG A 106 -15.14 -9.78 18.24
N ILE A 107 -16.07 -9.06 17.60
CA ILE A 107 -17.40 -8.82 18.14
C ILE A 107 -18.35 -9.91 17.61
N GLU A 108 -19.12 -10.51 18.51
CA GLU A 108 -20.04 -11.59 18.14
C GLU A 108 -21.50 -11.14 18.14
N ALA A 109 -22.30 -11.75 17.27
CA ALA A 109 -23.72 -11.40 17.20
C ALA A 109 -24.34 -11.68 18.57
N PRO A 110 -25.40 -10.95 18.94
CA PRO A 110 -26.08 -9.90 18.17
C PRO A 110 -25.44 -8.52 18.33
N GLY A 111 -24.29 -8.47 18.97
CA GLY A 111 -23.63 -7.20 19.15
C GLY A 111 -23.18 -6.59 17.82
N THR A 112 -23.34 -5.29 17.66
CA THR A 112 -22.91 -4.61 16.44
C THR A 112 -21.97 -3.48 16.82
N VAL A 113 -20.94 -3.30 16.02
CA VAL A 113 -19.96 -2.24 16.24
C VAL A 113 -19.37 -1.76 14.92
N GLU A 114 -19.12 -0.45 14.85
CA GLU A 114 -18.49 0.14 13.69
C GLU A 114 -17.42 1.00 14.35
N ALA A 115 -16.16 0.75 13.98
CA ALA A 115 -15.05 1.48 14.57
C ALA A 115 -15.11 2.99 14.35
N GLY A 116 -15.97 3.42 13.44
CA GLY A 116 -16.12 4.85 13.19
C GLY A 116 -16.76 5.52 14.40
N ASP A 117 -17.35 4.72 15.28
CA ASP A 117 -17.98 5.21 16.50
C ASP A 117 -17.01 5.16 17.66
N ILE A 118 -15.75 4.86 17.38
CA ILE A 118 -14.78 4.77 18.45
C ILE A 118 -13.64 5.75 18.26
N MET A 119 -13.34 6.51 19.32
CA MET A 119 -12.27 7.50 19.29
C MET A 119 -11.17 7.13 20.28
N MET A 120 -9.96 6.97 19.77
CA MET A 120 -8.83 6.63 20.63
C MET A 120 -8.15 7.83 21.26
N VAL A 121 -7.99 7.78 22.58
CA VAL A 121 -7.34 8.83 23.34
C VAL A 121 -6.42 8.12 24.32
N GLY A 122 -5.19 7.89 23.90
CA GLY A 122 -4.24 7.18 24.73
C GLY A 122 -4.66 5.72 24.77
N ASP A 123 -4.85 5.18 25.96
CA ASP A 123 -5.27 3.79 26.09
C ASP A 123 -6.76 3.68 26.40
N HIS A 124 -7.46 4.81 26.29
CA HIS A 124 -8.90 4.83 26.54
C HIS A 124 -9.60 4.96 25.20
N PHE A 125 -10.79 4.39 25.11
CA PHE A 125 -11.56 4.43 23.87
C PHE A 125 -12.99 4.84 24.15
N TYR A 126 -13.43 5.92 23.51
CA TYR A 126 -14.79 6.40 23.67
C TYR A 126 -15.65 5.79 22.57
N ILE A 127 -16.67 5.03 22.99
CA ILE A 127 -17.54 4.36 22.04
C ILE A 127 -18.92 4.99 21.95
N GLY A 128 -19.25 5.48 20.77
CA GLY A 128 -20.55 6.10 20.60
C GLY A 128 -21.62 5.07 20.34
N GLU A 129 -22.60 4.98 21.23
CA GLU A 129 -23.68 4.03 21.03
C GLU A 129 -24.64 4.68 20.03
N SER A 130 -24.78 4.05 18.86
CA SER A 130 -25.65 4.57 17.83
C SER A 130 -26.49 3.45 17.23
N ALA A 131 -27.07 3.71 16.06
CA ALA A 131 -27.89 2.72 15.38
C ALA A 131 -26.98 1.70 14.72
N ARG A 132 -25.69 2.03 14.66
CA ARG A 132 -24.68 1.17 14.06
C ARG A 132 -23.90 0.41 15.11
N THR A 133 -23.85 0.94 16.33
CA THR A 133 -23.14 0.30 17.42
C THR A 133 -24.10 0.17 18.58
N ASN A 134 -24.67 -1.02 18.78
CA ASN A 134 -25.62 -1.18 19.86
C ASN A 134 -24.94 -1.38 21.21
N ALA A 135 -25.76 -1.46 22.26
CA ALA A 135 -25.27 -1.62 23.63
C ALA A 135 -24.45 -2.89 23.79
N GLU A 136 -24.97 -3.99 23.26
CA GLU A 136 -24.29 -5.26 23.35
C GLU A 136 -22.93 -5.16 22.66
N GLY A 137 -22.89 -4.46 21.53
CA GLY A 137 -21.64 -4.30 20.81
C GLY A 137 -20.59 -3.55 21.63
N ALA A 138 -20.99 -2.41 22.18
CA ALA A 138 -20.08 -1.59 22.98
C ALA A 138 -19.61 -2.35 24.21
N ARG A 139 -20.51 -3.11 24.82
CA ARG A 139 -20.20 -3.89 26.01
C ARG A 139 -19.10 -4.90 25.73
N GLN A 140 -19.23 -5.60 24.61
CA GLN A 140 -18.23 -6.59 24.23
C GLN A 140 -16.88 -5.91 24.03
N MET A 141 -16.87 -4.84 23.25
CA MET A 141 -15.65 -4.08 22.98
C MET A 141 -14.96 -3.69 24.28
N ILE A 142 -15.73 -3.07 25.19
CA ILE A 142 -15.18 -2.64 26.47
C ILE A 142 -14.58 -3.81 27.24
N ALA A 143 -15.20 -4.99 27.12
CA ALA A 143 -14.70 -6.17 27.83
C ALA A 143 -13.34 -6.59 27.28
N ILE A 144 -13.22 -6.59 25.95
CA ILE A 144 -11.97 -6.96 25.29
C ILE A 144 -10.88 -5.95 25.62
N LEU A 145 -11.19 -4.66 25.50
CA LEU A 145 -10.21 -3.62 25.81
C LEU A 145 -9.68 -3.78 27.23
N GLU A 146 -10.58 -3.85 28.21
CA GLU A 146 -10.17 -3.98 29.61
C GLU A 146 -9.39 -5.27 29.85
N LYS A 147 -9.47 -6.20 28.91
CA LYS A 147 -8.77 -7.46 29.04
C LYS A 147 -7.29 -7.26 28.71
N HIS A 148 -7.03 -6.35 27.78
CA HIS A 148 -5.67 -6.06 27.34
C HIS A 148 -5.06 -4.83 27.99
N GLY A 149 -5.49 -4.54 29.21
CA GLY A 149 -4.94 -3.40 29.93
C GLY A 149 -5.42 -2.04 29.45
N LEU A 150 -6.28 -2.03 28.43
CA LEU A 150 -6.82 -0.79 27.89
C LEU A 150 -8.15 -0.52 28.58
N SER A 151 -8.80 0.59 28.25
CA SER A 151 -10.07 0.91 28.87
C SER A 151 -11.05 1.48 27.85
N GLY A 152 -12.32 1.51 28.19
CA GLY A 152 -13.31 2.04 27.29
C GLY A 152 -14.55 2.50 28.01
N SER A 153 -15.33 3.38 27.37
CA SER A 153 -16.56 3.89 27.96
C SER A 153 -17.52 4.26 26.85
N VAL A 154 -18.80 4.29 27.16
CA VAL A 154 -19.83 4.61 26.19
C VAL A 154 -20.25 6.08 26.20
N VAL A 155 -20.48 6.63 25.02
CA VAL A 155 -20.94 8.01 24.89
C VAL A 155 -22.23 7.99 24.09
N ARG A 156 -23.32 8.45 24.69
CA ARG A 156 -24.61 8.47 24.00
C ARG A 156 -24.61 9.62 23.01
N LEU A 157 -25.04 9.34 21.78
CA LEU A 157 -25.10 10.36 20.75
C LEU A 157 -26.55 10.59 20.31
N GLU A 158 -26.92 11.87 20.23
CA GLU A 158 -28.28 12.23 19.84
C GLU A 158 -28.42 12.58 18.36
N LYS A 159 -27.93 13.75 17.99
CA LYS A 159 -28.02 14.23 16.61
C LYS A 159 -26.81 13.89 15.74
N VAL A 160 -26.32 12.65 15.85
CA VAL A 160 -25.16 12.23 15.06
C VAL A 160 -25.21 10.74 14.73
N LEU A 161 -24.75 10.37 13.53
CA LEU A 161 -24.75 8.98 13.09
C LEU A 161 -23.51 8.22 13.59
N HIS A 162 -22.35 8.85 13.47
CA HIS A 162 -21.08 8.26 13.91
C HIS A 162 -20.41 9.21 14.89
N LEU A 163 -19.93 8.68 16.01
CA LEU A 163 -19.25 9.49 17.00
C LEU A 163 -18.20 10.39 16.36
N LYS A 164 -17.34 9.80 15.54
CA LYS A 164 -16.25 10.52 14.88
C LYS A 164 -16.67 11.52 13.82
N THR A 165 -17.97 11.70 13.64
CA THR A 165 -18.45 12.67 12.66
C THR A 165 -18.24 14.07 13.21
N GLY A 166 -18.40 14.22 14.52
CA GLY A 166 -18.24 15.52 15.14
C GLY A 166 -17.14 15.59 16.18
N LEU A 167 -16.22 14.64 16.14
CA LEU A 167 -15.13 14.61 17.11
C LEU A 167 -13.86 14.09 16.47
N ALA A 168 -12.73 14.54 16.99
CA ALA A 168 -11.44 14.10 16.50
C ALA A 168 -10.39 14.50 17.51
N TYR A 169 -9.68 13.51 18.04
CA TYR A 169 -8.62 13.78 19.01
C TYR A 169 -7.32 13.94 18.24
N LEU A 170 -6.64 15.06 18.45
CA LEU A 170 -5.40 15.34 17.75
C LEU A 170 -4.17 15.19 18.64
N GLU A 171 -4.35 14.49 19.75
CA GLU A 171 -3.28 14.26 20.70
C GLU A 171 -2.97 15.51 21.50
N HIS A 172 -2.07 15.38 22.47
CA HIS A 172 -1.68 16.51 23.30
C HIS A 172 -2.91 17.15 23.94
N ASN A 173 -3.92 16.33 24.23
CA ASN A 173 -5.15 16.79 24.87
C ASN A 173 -6.01 17.71 24.01
N ASN A 174 -5.68 17.86 22.73
CA ASN A 174 -6.47 18.70 21.84
C ASN A 174 -7.59 17.89 21.20
N LEU A 175 -8.83 18.39 21.29
CA LEU A 175 -9.98 17.68 20.75
C LEU A 175 -10.93 18.55 19.93
N LEU A 176 -11.08 18.24 18.64
CA LEU A 176 -11.99 19.01 17.80
C LEU A 176 -13.41 18.51 18.08
N ALA A 177 -14.31 19.42 18.45
CA ALA A 177 -15.68 19.02 18.77
C ALA A 177 -16.73 19.92 18.13
N ALA A 178 -17.78 19.29 17.62
CA ALA A 178 -18.88 20.00 16.99
C ALA A 178 -20.20 19.48 17.52
N GLY A 179 -21.28 20.22 17.27
CA GLY A 179 -22.59 19.81 17.71
C GLY A 179 -22.73 19.46 19.18
N GLU A 180 -23.45 18.37 19.45
CA GLU A 180 -23.73 17.89 20.79
C GLU A 180 -22.53 17.53 21.68
N PHE A 181 -21.35 17.45 21.09
CA PHE A 181 -20.17 17.07 21.86
C PHE A 181 -19.48 18.18 22.66
N VAL A 182 -19.58 19.42 22.18
CA VAL A 182 -18.93 20.54 22.84
C VAL A 182 -19.10 20.67 24.37
N SER A 183 -20.32 20.45 24.88
CA SER A 183 -20.54 20.57 26.31
C SER A 183 -20.81 19.28 27.09
N LYS A 184 -20.23 18.17 26.64
CA LYS A 184 -20.42 16.90 27.33
C LYS A 184 -19.44 16.78 28.48
N PRO A 185 -19.90 16.28 29.63
CA PRO A 185 -19.09 16.09 30.84
C PRO A 185 -17.83 15.26 30.63
N GLU A 186 -17.92 14.24 29.79
CA GLU A 186 -16.78 13.35 29.53
C GLU A 186 -15.58 14.06 28.88
N PHE A 187 -15.85 15.11 28.12
CA PHE A 187 -14.78 15.81 27.42
C PHE A 187 -14.41 17.19 27.96
N GLN A 188 -14.90 17.53 29.15
CA GLN A 188 -14.61 18.83 29.74
C GLN A 188 -13.13 19.11 30.01
N ASP A 189 -12.35 18.05 30.18
CA ASP A 189 -10.92 18.21 30.48
C ASP A 189 -9.98 18.25 29.27
N PHE A 190 -10.54 18.32 28.07
CA PHE A 190 -9.70 18.39 26.88
C PHE A 190 -9.64 19.84 26.40
N ASN A 191 -8.56 20.21 25.72
CA ASN A 191 -8.46 21.55 25.17
C ASN A 191 -9.38 21.49 23.98
N ILE A 192 -10.67 21.72 24.22
CA ILE A 192 -11.68 21.66 23.19
C ILE A 192 -11.64 22.79 22.17
N ILE A 193 -11.57 22.42 20.90
CA ILE A 193 -11.59 23.40 19.81
C ILE A 193 -12.96 23.23 19.15
N GLU A 194 -13.89 24.10 19.53
CA GLU A 194 -15.23 24.02 18.96
C GLU A 194 -15.19 24.27 17.46
N ILE A 195 -15.97 23.49 16.72
CA ILE A 195 -16.03 23.62 15.27
C ILE A 195 -17.34 24.33 14.90
N PRO A 196 -17.24 25.47 14.19
CA PRO A 196 -18.43 26.23 13.77
C PRO A 196 -19.40 25.35 13.00
N GLU A 197 -20.70 25.52 13.24
CA GLU A 197 -21.72 24.73 12.57
C GLU A 197 -21.57 24.78 11.06
N GLU A 198 -20.91 25.83 10.58
CA GLU A 198 -20.70 26.01 9.13
C GLU A 198 -19.57 25.15 8.56
N GLU A 199 -18.67 24.68 9.41
CA GLU A 199 -17.56 23.83 8.98
C GLU A 199 -17.58 22.54 9.77
N SER A 200 -18.75 22.18 10.31
CA SER A 200 -18.91 20.98 11.11
C SER A 200 -18.31 19.73 10.47
N TYR A 201 -18.20 19.72 9.14
CA TYR A 201 -17.64 18.58 8.45
C TYR A 201 -16.16 18.46 8.82
N ALA A 202 -15.50 19.61 8.90
CA ALA A 202 -14.09 19.65 9.24
C ALA A 202 -13.80 19.20 10.67
N ALA A 203 -14.84 18.77 11.39
CA ALA A 203 -14.65 18.27 12.76
C ALA A 203 -14.03 16.87 12.67
N ASN A 204 -14.10 16.28 11.48
CA ASN A 204 -13.55 14.96 11.23
C ASN A 204 -12.18 15.14 10.60
N CYS A 205 -11.15 15.00 11.42
CA CYS A 205 -9.76 15.14 10.98
C CYS A 205 -8.94 13.99 11.55
N ILE A 206 -7.79 13.74 10.95
CA ILE A 206 -6.96 12.66 11.47
C ILE A 206 -5.54 13.10 11.77
N TRP A 207 -5.10 12.76 12.96
CA TRP A 207 -3.75 13.05 13.40
C TRP A 207 -2.92 11.87 12.90
N VAL A 208 -1.78 12.17 12.27
CA VAL A 208 -0.88 11.13 11.79
C VAL A 208 0.57 11.61 11.97
N ASN A 209 1.19 11.21 13.07
CA ASN A 209 2.57 11.58 13.36
C ASN A 209 2.82 13.08 13.29
N GLU A 210 2.03 13.81 14.08
CA GLU A 210 2.12 15.26 14.17
C GLU A 210 1.55 16.01 12.97
N ARG A 211 1.15 15.26 11.93
CA ARG A 211 0.52 15.86 10.77
C ARG A 211 -0.96 15.73 11.05
N VAL A 212 -1.76 16.62 10.48
CA VAL A 212 -3.20 16.56 10.64
C VAL A 212 -3.78 16.69 9.26
N ILE A 213 -4.34 15.60 8.75
CA ILE A 213 -4.96 15.64 7.42
C ILE A 213 -6.42 16.02 7.60
N MET A 214 -6.84 17.05 6.89
CA MET A 214 -8.21 17.54 6.99
C MET A 214 -8.83 17.79 5.62
N PRO A 215 -10.15 17.86 5.55
CA PRO A 215 -10.82 18.11 4.27
C PRO A 215 -10.50 19.52 3.79
N ALA A 216 -10.35 19.68 2.48
CA ALA A 216 -10.05 21.00 1.94
C ALA A 216 -11.32 21.86 1.94
N GLY A 217 -11.15 23.16 2.17
CA GLY A 217 -12.27 24.09 2.16
C GLY A 217 -12.80 24.57 3.49
N TYR A 218 -12.02 24.42 4.56
CA TYR A 218 -12.47 24.85 5.89
C TYR A 218 -11.40 25.68 6.59
N PRO A 219 -11.27 26.96 6.19
CA PRO A 219 -10.32 27.95 6.71
C PRO A 219 -10.25 28.23 8.21
N ARG A 220 -11.38 28.45 8.85
CA ARG A 220 -11.40 28.75 10.28
C ARG A 220 -10.78 27.58 11.07
N THR A 221 -11.29 26.38 10.85
CA THR A 221 -10.78 25.20 11.53
C THR A 221 -9.30 24.98 11.17
N ARG A 222 -8.98 25.09 9.88
CA ARG A 222 -7.61 24.94 9.41
C ARG A 222 -6.69 25.86 10.19
N GLU A 223 -7.08 27.13 10.26
CA GLU A 223 -6.30 28.13 10.97
C GLU A 223 -6.12 27.71 12.43
N LYS A 224 -7.21 27.27 13.05
CA LYS A 224 -7.17 26.83 14.45
C LYS A 224 -6.17 25.71 14.65
N ILE A 225 -6.19 24.73 13.76
CA ILE A 225 -5.28 23.60 13.86
C ILE A 225 -3.83 24.04 13.65
N ALA A 226 -3.62 24.90 12.66
CA ALA A 226 -2.28 25.40 12.39
C ALA A 226 -1.71 26.11 13.62
N ARG A 227 -2.51 26.98 14.22
CA ARG A 227 -2.05 27.73 15.40
C ARG A 227 -1.72 26.83 16.59
N LEU A 228 -2.25 25.62 16.58
CA LEU A 228 -2.01 24.67 17.66
C LEU A 228 -0.62 24.04 17.58
N GLY A 229 -0.01 24.12 16.40
CA GLY A 229 1.32 23.57 16.24
C GLY A 229 1.40 22.31 15.40
N TYR A 230 0.36 22.06 14.61
CA TYR A 230 0.30 20.88 13.75
C TYR A 230 0.62 21.24 12.30
N ARG A 231 1.18 20.28 11.59
CA ARG A 231 1.47 20.49 10.18
C ARG A 231 0.16 20.05 9.55
N VAL A 232 -0.56 20.99 8.94
CA VAL A 232 -1.84 20.70 8.31
C VAL A 232 -1.68 20.29 6.86
N ILE A 233 -2.41 19.26 6.47
CA ILE A 233 -2.41 18.79 5.11
C ILE A 233 -3.89 18.66 4.77
N GLU A 234 -4.34 19.39 3.77
CA GLU A 234 -5.73 19.31 3.41
C GLU A 234 -5.91 18.59 2.10
N VAL A 235 -6.93 17.72 2.07
CA VAL A 235 -7.24 16.94 0.90
C VAL A 235 -8.72 17.10 0.60
N ASP A 236 -9.02 17.28 -0.67
CA ASP A 236 -10.40 17.44 -1.10
C ASP A 236 -11.11 16.09 -1.13
N THR A 237 -12.09 15.94 -0.24
CA THR A 237 -12.88 14.70 -0.17
C THR A 237 -14.36 15.01 -0.36
N SER A 238 -14.66 15.93 -1.27
CA SER A 238 -16.05 16.32 -1.54
C SER A 238 -16.97 15.20 -2.03
N GLU A 239 -16.43 14.23 -2.77
CA GLU A 239 -17.25 13.14 -3.27
C GLU A 239 -17.65 12.20 -2.14
N TYR A 240 -16.82 12.14 -1.10
CA TYR A 240 -17.10 11.28 0.04
C TYR A 240 -18.00 11.98 1.04
N ARG A 241 -18.00 13.31 1.00
CA ARG A 241 -18.85 14.07 1.90
C ARG A 241 -20.29 13.70 1.50
N LYS A 242 -20.53 13.61 0.20
CA LYS A 242 -21.84 13.27 -0.34
C LYS A 242 -22.43 12.03 0.30
N ILE A 243 -21.59 11.23 0.96
CA ILE A 243 -22.09 10.02 1.60
C ILE A 243 -21.64 9.90 3.04
N ASP A 244 -21.56 11.06 3.71
CA ASP A 244 -21.20 11.13 5.12
C ASP A 244 -19.81 10.58 5.46
N GLY A 245 -18.92 10.54 4.47
CA GLY A 245 -17.59 10.03 4.72
C GLY A 245 -16.53 11.10 4.86
N GLY A 246 -15.66 10.93 5.86
CA GLY A 246 -14.58 11.89 6.09
C GLY A 246 -13.22 11.22 6.04
N VAL A 247 -12.16 11.99 6.27
CA VAL A 247 -10.81 11.44 6.24
C VAL A 247 -10.53 10.34 7.25
N SER A 248 -11.19 10.38 8.41
CA SER A 248 -10.95 9.34 9.40
C SER A 248 -11.50 7.99 8.98
N CYS A 249 -12.55 8.04 8.15
CA CYS A 249 -13.26 6.84 7.68
C CYS A 249 -12.50 6.00 6.68
N MET A 250 -11.67 6.65 5.88
CA MET A 250 -10.96 5.97 4.81
C MET A 250 -9.64 5.26 5.11
N SER A 251 -9.31 5.09 6.38
CA SER A 251 -8.09 4.39 6.69
C SER A 251 -8.09 3.86 8.10
N LEU A 252 -7.16 2.95 8.35
CA LEU A 252 -6.95 2.32 9.65
C LEU A 252 -5.55 2.82 9.97
N ARG A 253 -5.33 3.25 11.21
CA ARG A 253 -4.04 3.79 11.58
C ARG A 253 -3.53 3.18 12.88
N PHE A 254 -2.32 2.63 12.84
CA PHE A 254 -1.77 2.00 14.05
C PHE A 254 -0.25 1.87 14.01
N MET B 1 -1.05 -16.64 -10.05
CA MET B 1 -1.59 -15.28 -9.68
C MET B 1 -0.92 -14.71 -8.45
N PHE B 2 -0.62 -13.43 -8.47
CA PHE B 2 0.01 -12.76 -7.33
C PHE B 2 -1.10 -12.23 -6.44
N LYS B 3 -0.76 -11.92 -5.21
CA LYS B 3 -1.74 -11.38 -4.26
C LYS B 3 -1.18 -10.14 -3.58
N HIS B 4 0.13 -9.97 -3.64
CA HIS B 4 0.76 -8.84 -2.99
C HIS B 4 1.82 -8.14 -3.82
N ILE B 5 1.92 -6.83 -3.62
CA ILE B 5 2.92 -6.06 -4.29
C ILE B 5 3.54 -5.18 -3.22
N ILE B 6 4.86 -5.03 -3.28
CA ILE B 6 5.57 -4.16 -2.37
C ILE B 6 6.26 -3.12 -3.26
N ALA B 7 6.23 -1.87 -2.84
CA ALA B 7 6.86 -0.80 -3.62
C ALA B 7 7.33 0.29 -2.66
N ARG B 8 8.14 1.23 -3.15
CA ARG B 8 8.62 2.30 -2.29
C ARG B 8 8.66 3.64 -3.01
N THR B 9 8.11 4.65 -2.35
CA THR B 9 8.08 6.00 -2.89
C THR B 9 9.50 6.49 -3.12
N PRO B 10 9.76 7.14 -4.27
CA PRO B 10 11.10 7.65 -4.56
C PRO B 10 11.47 8.82 -3.65
N ALA B 11 12.74 8.91 -3.30
CA ALA B 11 13.24 9.97 -2.43
C ALA B 11 13.74 11.17 -3.25
N ARG B 12 13.92 12.31 -2.60
CA ARG B 12 14.40 13.50 -3.30
C ARG B 12 15.78 13.21 -3.87
N SER B 13 16.58 12.46 -3.11
CA SER B 13 17.94 12.12 -3.48
C SER B 13 18.04 11.27 -4.74
N LEU B 14 16.89 10.84 -5.25
CA LEU B 14 16.86 10.02 -6.45
C LEU B 14 17.50 10.73 -7.65
N VAL B 15 17.45 12.06 -7.62
CA VAL B 15 18.02 12.86 -8.70
C VAL B 15 19.55 12.75 -8.80
N ASP B 16 20.17 12.14 -7.79
CA ASP B 16 21.62 11.98 -7.78
C ASP B 16 22.04 10.55 -8.13
N LEU B 23 20.86 8.72 -20.43
CA LEU B 23 19.85 9.20 -21.35
C LEU B 23 19.27 10.55 -20.89
N GLY B 24 20.02 11.27 -20.05
CA GLY B 24 19.55 12.55 -19.57
C GLY B 24 19.70 12.74 -18.07
N LYS B 25 18.72 13.43 -17.46
CA LYS B 25 18.72 13.69 -16.02
C LYS B 25 17.29 13.60 -15.47
N PRO B 26 17.10 12.86 -14.35
CA PRO B 26 15.81 12.65 -13.69
C PRO B 26 15.23 13.81 -12.87
N ASP B 27 14.00 14.21 -13.21
CA ASP B 27 13.31 15.26 -12.48
C ASP B 27 12.48 14.60 -11.39
N TYR B 28 12.72 14.96 -10.15
CA TYR B 28 11.98 14.39 -9.04
C TYR B 28 10.46 14.52 -9.19
N ALA B 29 9.99 15.76 -9.17
CA ALA B 29 8.56 16.05 -9.29
C ALA B 29 7.87 15.16 -10.31
N LYS B 30 8.51 15.01 -11.47
CA LYS B 30 7.94 14.21 -12.55
C LYS B 30 8.05 12.72 -12.27
N ALA B 31 9.15 12.30 -11.66
CA ALA B 31 9.35 10.89 -11.34
C ALA B 31 8.35 10.45 -10.31
N LEU B 32 8.02 11.36 -9.39
CA LEU B 32 7.07 11.07 -8.32
C LEU B 32 5.69 10.84 -8.92
N GLU B 33 5.39 11.60 -9.96
CA GLU B 33 4.11 11.49 -10.64
C GLU B 33 4.00 10.16 -11.38
N GLN B 34 5.08 9.76 -12.04
CA GLN B 34 5.11 8.50 -12.79
C GLN B 34 5.02 7.29 -11.86
N HIS B 35 5.61 7.40 -10.67
CA HIS B 35 5.56 6.31 -9.69
C HIS B 35 4.12 6.19 -9.21
N ASN B 36 3.47 7.34 -9.02
CA ASN B 36 2.08 7.38 -8.59
C ASN B 36 1.21 6.68 -9.64
N ALA B 37 1.44 7.01 -10.90
CA ALA B 37 0.68 6.41 -12.01
C ALA B 37 0.91 4.90 -11.99
N TYR B 38 2.15 4.51 -11.72
CA TYR B 38 2.53 3.11 -11.65
C TYR B 38 1.73 2.40 -10.53
N ILE B 39 1.67 3.01 -9.36
CA ILE B 39 0.90 2.42 -8.26
C ILE B 39 -0.60 2.36 -8.58
N ARG B 40 -1.11 3.37 -9.26
CA ARG B 40 -2.54 3.40 -9.61
C ARG B 40 -2.83 2.33 -10.64
N ALA B 41 -1.85 2.02 -11.47
CA ALA B 41 -2.01 0.98 -12.48
C ALA B 41 -2.07 -0.36 -11.75
N LEU B 42 -1.19 -0.55 -10.77
CA LEU B 42 -1.13 -1.79 -10.00
C LEU B 42 -2.39 -1.98 -9.17
N GLN B 43 -3.07 -0.89 -8.88
CA GLN B 43 -4.31 -0.92 -8.10
C GLN B 43 -5.43 -1.60 -8.86
N THR B 44 -5.25 -1.78 -10.16
CA THR B 44 -6.29 -2.41 -10.97
C THR B 44 -5.93 -3.85 -11.31
N CYS B 45 -4.85 -4.37 -10.73
CA CYS B 45 -4.42 -5.74 -11.05
C CYS B 45 -4.81 -6.82 -10.07
N ASP B 46 -5.80 -6.54 -9.22
CA ASP B 46 -6.28 -7.51 -8.24
C ASP B 46 -5.23 -7.97 -7.23
N VAL B 47 -4.53 -7.01 -6.65
CA VAL B 47 -3.51 -7.29 -5.66
C VAL B 47 -3.57 -6.18 -4.63
N ASP B 48 -3.07 -6.42 -3.42
CA ASP B 48 -3.03 -5.33 -2.46
C ASP B 48 -1.62 -4.79 -2.65
N ILE B 49 -1.41 -3.55 -2.22
CA ILE B 49 -0.11 -2.93 -2.39
C ILE B 49 0.43 -2.43 -1.05
N THR B 50 1.70 -2.73 -0.78
CA THR B 50 2.34 -2.28 0.44
C THR B 50 3.31 -1.22 0.00
N LEU B 51 2.93 0.04 0.21
CA LEU B 51 3.74 1.18 -0.19
C LEU B 51 4.60 1.68 0.95
N LEU B 52 5.91 1.52 0.78
CA LEU B 52 6.87 1.93 1.79
C LEU B 52 7.24 3.40 1.56
N PRO B 53 7.61 4.11 2.64
CA PRO B 53 7.98 5.53 2.59
C PRO B 53 9.33 5.84 1.93
N PRO B 54 9.49 7.08 1.44
CA PRO B 54 10.78 7.38 0.82
C PRO B 54 11.92 7.35 1.82
N ASP B 55 13.13 7.12 1.33
CA ASP B 55 14.29 7.09 2.20
C ASP B 55 15.42 7.81 1.47
N GLU B 56 15.70 9.04 1.91
CA GLU B 56 16.74 9.88 1.30
C GLU B 56 18.14 9.29 1.27
N ARG B 57 18.53 8.58 2.32
CA ARG B 57 19.88 8.01 2.35
C ARG B 57 20.10 6.96 1.26
N PHE B 58 19.02 6.51 0.62
CA PHE B 58 19.14 5.53 -0.46
C PHE B 58 18.43 6.03 -1.72
N PRO B 59 19.17 6.76 -2.58
CA PRO B 59 18.65 7.32 -3.82
C PRO B 59 17.97 6.32 -4.75
N ASP B 60 18.39 5.06 -4.68
CA ASP B 60 17.83 4.02 -5.54
C ASP B 60 16.86 3.08 -4.83
N SER B 61 16.51 3.36 -3.58
CA SER B 61 15.61 2.47 -2.85
C SER B 61 14.23 2.32 -3.47
N VAL B 62 13.91 3.14 -4.46
CA VAL B 62 12.63 3.06 -5.14
C VAL B 62 12.59 1.74 -5.89
N PHE B 63 13.78 1.26 -6.25
CA PHE B 63 13.93 0.00 -6.96
C PHE B 63 13.98 -1.17 -5.97
N VAL B 64 12.84 -1.42 -5.33
CA VAL B 64 12.73 -2.48 -4.33
C VAL B 64 12.91 -3.89 -4.91
N GLU B 65 13.02 -3.99 -6.23
CA GLU B 65 13.20 -5.30 -6.86
C GLU B 65 14.52 -5.96 -6.43
N ASP B 66 15.57 -5.16 -6.25
CA ASP B 66 16.90 -5.67 -5.91
C ASP B 66 17.24 -6.22 -4.52
N PRO B 67 16.76 -5.57 -3.44
CA PRO B 67 17.03 -6.00 -2.06
C PRO B 67 16.52 -7.38 -1.62
N VAL B 68 15.64 -8.00 -2.40
CA VAL B 68 15.10 -9.29 -2.01
C VAL B 68 14.42 -10.01 -3.19
N LEU B 69 14.43 -11.33 -3.14
CA LEU B 69 13.77 -12.15 -4.15
C LEU B 69 12.62 -12.82 -3.43
N CYS B 70 11.39 -12.51 -3.85
CA CYS B 70 10.21 -13.10 -3.24
C CYS B 70 9.70 -14.25 -4.09
N THR B 71 9.66 -15.45 -3.50
CA THR B 71 9.20 -16.61 -4.22
C THR B 71 7.95 -17.15 -3.55
N SER B 72 7.36 -18.18 -4.15
CA SER B 72 6.15 -18.78 -3.62
C SER B 72 6.42 -19.62 -2.37
N ARG B 73 7.69 -19.85 -2.03
CA ARG B 73 8.04 -20.66 -0.86
C ARG B 73 8.83 -19.92 0.19
N CYS B 74 9.54 -18.88 -0.24
CA CYS B 74 10.38 -18.13 0.67
C CYS B 74 10.81 -16.81 0.06
N ALA B 75 11.44 -15.98 0.86
CA ALA B 75 11.95 -14.69 0.42
C ALA B 75 13.43 -14.77 0.75
N ILE B 76 14.27 -14.26 -0.13
CA ILE B 76 15.71 -14.28 0.10
C ILE B 76 16.23 -12.86 0.11
N ILE B 77 16.68 -12.41 1.28
CA ILE B 77 17.25 -11.08 1.42
C ILE B 77 18.56 -11.15 0.65
N THR B 78 18.71 -10.29 -0.35
CA THR B 78 19.93 -10.29 -1.15
C THR B 78 21.07 -9.53 -0.49
N ARG B 79 22.02 -9.09 -1.30
CA ARG B 79 23.19 -8.38 -0.79
C ARG B 79 23.78 -7.59 -1.96
N PRO B 80 23.21 -6.40 -2.25
CA PRO B 80 23.66 -5.52 -3.34
C PRO B 80 25.15 -5.32 -3.48
N GLY B 81 25.66 -5.53 -4.70
CA GLY B 81 27.07 -5.35 -4.96
C GLY B 81 27.46 -3.88 -4.75
N ALA B 82 26.61 -2.98 -5.23
CA ALA B 82 26.83 -1.54 -5.10
C ALA B 82 26.84 -1.12 -3.63
N GLU B 83 27.83 -0.30 -3.26
CA GLU B 83 27.98 0.19 -1.90
C GLU B 83 26.77 0.96 -1.39
N SER B 84 26.35 1.96 -2.15
CA SER B 84 25.23 2.83 -1.81
C SER B 84 23.88 2.17 -1.56
N ARG B 85 23.73 0.92 -2.00
CA ARG B 85 22.46 0.22 -1.83
C ARG B 85 22.40 -0.89 -0.79
N ARG B 86 23.55 -1.39 -0.35
CA ARG B 86 23.55 -2.49 0.61
C ARG B 86 22.65 -2.25 1.83
N GLY B 87 22.58 -1.00 2.29
CA GLY B 87 21.74 -0.70 3.44
C GLY B 87 20.24 -0.85 3.19
N GLU B 88 19.85 -0.93 1.92
CA GLU B 88 18.44 -1.07 1.56
C GLU B 88 17.77 -2.35 2.06
N THR B 89 18.55 -3.41 2.29
CA THR B 89 17.98 -4.67 2.75
C THR B 89 17.44 -4.53 4.17
N GLU B 90 18.12 -3.71 4.97
CA GLU B 90 17.68 -3.50 6.35
C GLU B 90 16.34 -2.78 6.46
N ILE B 91 16.05 -1.89 5.52
CA ILE B 91 14.79 -1.15 5.57
C ILE B 91 13.63 -1.87 4.89
N ILE B 92 13.87 -3.07 4.35
CA ILE B 92 12.78 -3.82 3.72
C ILE B 92 12.53 -5.14 4.43
N GLU B 93 13.49 -5.54 5.27
CA GLU B 93 13.43 -6.77 6.06
C GLU B 93 12.12 -6.91 6.84
N GLU B 94 11.74 -5.89 7.60
CA GLU B 94 10.50 -5.97 8.37
C GLU B 94 9.29 -6.35 7.54
N THR B 95 9.13 -5.68 6.41
CA THR B 95 8.00 -5.94 5.52
C THR B 95 8.02 -7.36 5.00
N VAL B 96 9.19 -7.80 4.56
CA VAL B 96 9.32 -9.16 4.04
C VAL B 96 9.02 -10.14 5.17
N GLN B 97 9.55 -9.84 6.35
CA GLN B 97 9.36 -10.69 7.51
C GLN B 97 7.88 -10.85 7.85
N ARG B 98 7.08 -9.82 7.63
CA ARG B 98 5.65 -9.90 7.93
C ARG B 98 4.93 -10.80 6.93
N PHE B 99 5.42 -10.85 5.70
CA PHE B 99 4.79 -11.69 4.68
C PHE B 99 5.35 -13.12 4.65
N TYR B 100 6.56 -13.32 5.18
CA TYR B 100 7.20 -14.64 5.18
C TYR B 100 7.69 -15.06 6.57
N PRO B 101 6.79 -15.16 7.55
CA PRO B 101 7.23 -15.58 8.89
C PRO B 101 7.88 -16.95 8.81
N GLY B 102 9.12 -17.06 9.30
CA GLY B 102 9.83 -18.33 9.26
C GLY B 102 10.20 -18.78 7.86
N LYS B 103 10.09 -17.87 6.88
CA LYS B 103 10.42 -18.21 5.49
C LYS B 103 11.33 -17.18 4.86
N VAL B 104 12.19 -16.58 5.67
CA VAL B 104 13.13 -15.59 5.15
C VAL B 104 14.54 -16.15 5.18
N GLU B 105 15.22 -16.08 4.03
CA GLU B 105 16.58 -16.55 3.88
C GLU B 105 17.42 -15.35 3.47
N ARG B 106 18.74 -15.53 3.43
CA ARG B 106 19.59 -14.42 3.02
C ARG B 106 20.93 -14.84 2.43
N ILE B 107 21.46 -13.96 1.58
CA ILE B 107 22.75 -14.19 0.95
C ILE B 107 23.80 -13.74 1.96
N GLU B 108 24.89 -14.50 2.09
CA GLU B 108 25.95 -14.16 3.04
C GLU B 108 27.23 -13.80 2.29
N ALA B 109 28.11 -13.05 2.94
CA ALA B 109 29.39 -12.71 2.35
C ALA B 109 30.05 -14.06 2.09
N PRO B 110 30.91 -14.14 1.07
CA PRO B 110 31.31 -13.08 0.15
C PRO B 110 30.40 -12.92 -1.06
N GLY B 111 29.17 -13.42 -0.98
CA GLY B 111 28.28 -13.30 -2.12
C GLY B 111 27.59 -11.96 -2.26
N THR B 112 27.39 -11.51 -3.48
CA THR B 112 26.68 -10.26 -3.74
C THR B 112 25.56 -10.60 -4.73
N VAL B 113 24.37 -10.04 -4.50
CA VAL B 113 23.23 -10.28 -5.38
C VAL B 113 22.28 -9.11 -5.41
N GLU B 114 21.69 -8.87 -6.58
CA GLU B 114 20.68 -7.83 -6.75
C GLU B 114 19.59 -8.57 -7.52
N ALA B 115 18.48 -8.88 -6.85
CA ALA B 115 17.37 -9.63 -7.44
C ALA B 115 16.97 -9.16 -8.84
N GLY B 116 17.35 -7.93 -9.20
CA GLY B 116 17.02 -7.44 -10.53
C GLY B 116 17.68 -8.25 -11.64
N ASP B 117 18.75 -8.97 -11.30
CA ASP B 117 19.45 -9.82 -12.25
C ASP B 117 18.83 -11.19 -12.32
N ILE B 118 17.62 -11.32 -11.78
CA ILE B 118 16.95 -12.61 -11.78
C ILE B 118 15.58 -12.55 -12.42
N MET B 119 15.28 -13.55 -13.25
CA MET B 119 14.00 -13.60 -13.92
C MET B 119 13.27 -14.88 -13.54
N MET B 120 12.05 -14.71 -13.01
CA MET B 120 11.25 -15.86 -12.61
C MET B 120 10.40 -16.40 -13.75
N VAL B 121 10.41 -17.72 -13.87
CA VAL B 121 9.63 -18.44 -14.87
C VAL B 121 9.08 -19.65 -14.11
N GLY B 122 7.83 -19.57 -13.66
CA GLY B 122 7.27 -20.69 -12.91
C GLY B 122 8.08 -20.86 -11.64
N ASP B 123 8.60 -22.07 -11.41
CA ASP B 123 9.42 -22.32 -10.23
C ASP B 123 10.92 -22.21 -10.53
N HIS B 124 11.26 -21.87 -11.77
CA HIS B 124 12.66 -21.72 -12.14
C HIS B 124 13.07 -20.25 -12.16
N PHE B 125 14.26 -19.95 -11.66
CA PHE B 125 14.75 -18.58 -11.64
C PHE B 125 16.06 -18.49 -12.41
N TYR B 126 16.05 -17.74 -13.51
CA TYR B 126 17.24 -17.54 -14.32
C TYR B 126 18.01 -16.37 -13.73
N ILE B 127 19.32 -16.56 -13.58
CA ILE B 127 20.18 -15.56 -12.97
C ILE B 127 21.32 -15.13 -13.87
N GLY B 128 21.52 -13.82 -13.95
CA GLY B 128 22.59 -13.31 -14.78
C GLY B 128 23.65 -12.67 -13.91
N GLU B 129 24.84 -13.26 -13.90
CA GLU B 129 25.94 -12.70 -13.12
C GLU B 129 26.23 -11.32 -13.71
N SER B 130 26.66 -10.39 -12.86
CA SER B 130 26.93 -9.03 -13.31
C SER B 130 27.86 -8.31 -12.35
N ALA B 131 27.93 -6.99 -12.53
CA ALA B 131 28.76 -6.16 -11.69
C ALA B 131 28.16 -6.08 -10.29
N ARG B 132 26.88 -6.44 -10.17
CA ARG B 132 26.18 -6.38 -8.90
C ARG B 132 25.93 -7.76 -8.30
N THR B 133 26.02 -8.80 -9.12
CA THR B 133 25.77 -10.16 -8.67
C THR B 133 26.95 -11.05 -9.04
N ASN B 134 27.81 -11.35 -8.09
CA ASN B 134 28.97 -12.21 -8.38
C ASN B 134 28.61 -13.69 -8.36
N ALA B 135 29.54 -14.51 -8.81
CA ALA B 135 29.35 -15.96 -8.88
C ALA B 135 28.97 -16.63 -7.56
N GLU B 136 29.51 -16.12 -6.45
CA GLU B 136 29.21 -16.68 -5.14
C GLU B 136 27.76 -16.37 -4.78
N GLY B 137 27.31 -15.17 -5.16
CA GLY B 137 25.94 -14.79 -4.87
C GLY B 137 24.98 -15.67 -5.63
N ALA B 138 25.25 -15.86 -6.92
CA ALA B 138 24.38 -16.70 -7.74
C ALA B 138 24.32 -18.12 -7.18
N ARG B 139 25.46 -18.68 -6.79
CA ARG B 139 25.49 -20.02 -6.24
C ARG B 139 24.65 -20.14 -4.97
N GLN B 140 24.79 -19.19 -4.06
CA GLN B 140 24.03 -19.22 -2.82
C GLN B 140 22.52 -19.13 -3.09
N MET B 141 22.13 -18.29 -4.04
CA MET B 141 20.72 -18.12 -4.39
C MET B 141 20.13 -19.43 -4.92
N ILE B 142 20.84 -20.05 -5.84
CA ILE B 142 20.37 -21.30 -6.41
C ILE B 142 20.28 -22.40 -5.35
N ALA B 143 21.24 -22.45 -4.43
CA ALA B 143 21.22 -23.48 -3.39
C ALA B 143 20.01 -23.27 -2.48
N ILE B 144 19.77 -22.01 -2.14
CA ILE B 144 18.63 -21.66 -1.29
C ILE B 144 17.32 -22.09 -1.97
N LEU B 145 17.19 -21.75 -3.25
CA LEU B 145 16.01 -22.10 -4.02
C LEU B 145 15.80 -23.61 -4.08
N GLU B 146 16.87 -24.36 -4.30
CA GLU B 146 16.79 -25.82 -4.36
C GLU B 146 16.38 -26.38 -3.02
N LYS B 147 16.93 -25.83 -1.95
CA LYS B 147 16.58 -26.25 -0.60
C LYS B 147 15.05 -26.20 -0.38
N HIS B 148 14.40 -25.21 -1.00
CA HIS B 148 12.96 -25.01 -0.89
C HIS B 148 12.13 -25.65 -1.99
N GLY B 149 12.76 -26.55 -2.77
CA GLY B 149 12.03 -27.21 -3.83
C GLY B 149 11.92 -26.43 -5.14
N LEU B 150 12.62 -25.31 -5.23
CA LEU B 150 12.59 -24.52 -6.46
C LEU B 150 13.89 -24.76 -7.22
N SER B 151 14.02 -24.18 -8.40
CA SER B 151 15.25 -24.37 -9.18
C SER B 151 15.79 -23.05 -9.71
N GLY B 152 17.09 -23.03 -10.02
CA GLY B 152 17.72 -21.83 -10.55
C GLY B 152 18.87 -22.21 -11.47
N SER B 153 19.32 -21.26 -12.29
CA SER B 153 20.43 -21.49 -13.21
C SER B 153 20.98 -20.15 -13.72
N VAL B 154 22.28 -20.15 -14.05
CA VAL B 154 22.95 -18.95 -14.53
C VAL B 154 22.91 -18.86 -16.05
N VAL B 155 22.79 -17.65 -16.56
CA VAL B 155 22.76 -17.40 -18.00
C VAL B 155 23.93 -16.48 -18.34
N ARG B 156 24.78 -16.91 -19.26
CA ARG B 156 25.92 -16.08 -19.66
C ARG B 156 25.40 -14.92 -20.51
N LEU B 157 25.81 -13.70 -20.14
CA LEU B 157 25.39 -12.50 -20.86
C LEU B 157 26.46 -12.10 -21.88
N GLU B 158 26.07 -12.01 -23.14
CA GLU B 158 27.01 -11.62 -24.20
C GLU B 158 27.11 -10.10 -24.32
N LYS B 159 26.05 -9.47 -24.80
CA LYS B 159 26.04 -8.02 -24.98
C LYS B 159 25.59 -7.23 -23.76
N VAL B 160 24.35 -7.48 -23.33
CA VAL B 160 23.75 -6.78 -22.21
C VAL B 160 24.51 -6.87 -20.89
N LEU B 161 24.34 -5.86 -20.06
CA LEU B 161 24.99 -5.79 -18.75
C LEU B 161 24.11 -6.45 -17.68
N HIS B 162 22.84 -6.71 -18.01
CA HIS B 162 21.91 -7.32 -17.07
C HIS B 162 20.96 -8.28 -17.78
N LEU B 163 20.64 -9.38 -17.12
CA LEU B 163 19.77 -10.39 -17.69
C LEU B 163 18.48 -9.82 -18.30
N LYS B 164 17.73 -9.07 -17.50
CA LYS B 164 16.48 -8.51 -17.97
C LYS B 164 16.57 -7.20 -18.77
N THR B 165 17.45 -7.19 -19.76
CA THR B 165 17.63 -6.04 -20.65
C THR B 165 17.13 -6.50 -22.01
N GLY B 166 15.88 -6.21 -22.31
CA GLY B 166 15.29 -6.63 -23.57
C GLY B 166 14.83 -8.06 -23.41
N LEU B 167 14.37 -8.39 -22.19
CA LEU B 167 13.89 -9.73 -21.86
C LEU B 167 12.79 -9.72 -20.78
N ALA B 168 11.73 -10.50 -20.98
CA ALA B 168 10.65 -10.55 -20.00
C ALA B 168 9.74 -11.75 -20.17
N TYR B 169 9.41 -12.39 -19.04
CA TYR B 169 8.52 -13.54 -19.07
C TYR B 169 7.12 -13.07 -18.68
N LEU B 170 6.16 -13.35 -19.55
CA LEU B 170 4.78 -12.93 -19.34
C LEU B 170 3.83 -14.09 -19.06
N GLU B 171 4.38 -15.22 -18.60
CA GLU B 171 3.60 -16.41 -18.30
C GLU B 171 3.05 -17.08 -19.55
N HIS B 172 2.39 -18.21 -19.37
CA HIS B 172 1.81 -18.96 -20.49
C HIS B 172 2.89 -19.20 -21.54
N ASN B 173 4.11 -19.41 -21.05
CA ASN B 173 5.27 -19.71 -21.89
C ASN B 173 5.62 -18.60 -22.89
N ASN B 174 5.12 -17.39 -22.65
CA ASN B 174 5.39 -16.25 -23.52
C ASN B 174 6.57 -15.43 -23.02
N LEU B 175 7.58 -15.30 -23.87
CA LEU B 175 8.78 -14.58 -23.50
C LEU B 175 9.09 -13.44 -24.48
N LEU B 176 9.24 -12.24 -23.95
CA LEU B 176 9.60 -11.08 -24.77
C LEU B 176 11.12 -11.10 -24.84
N ALA B 177 11.66 -11.03 -26.04
CA ALA B 177 13.12 -11.06 -26.18
C ALA B 177 13.68 -10.19 -27.30
N ALA B 178 14.84 -9.61 -27.03
CA ALA B 178 15.54 -8.75 -27.97
C ALA B 178 16.99 -9.21 -28.06
N GLY B 179 17.60 -9.04 -29.24
CA GLY B 179 19.00 -9.39 -29.41
C GLY B 179 19.45 -10.81 -29.13
N GLU B 180 20.45 -10.95 -28.26
CA GLU B 180 21.02 -12.26 -27.91
C GLU B 180 20.03 -13.31 -27.40
N PHE B 181 18.93 -12.85 -26.82
CA PHE B 181 17.96 -13.78 -26.27
C PHE B 181 17.07 -14.46 -27.31
N VAL B 182 16.90 -13.83 -28.47
CA VAL B 182 16.07 -14.40 -29.52
C VAL B 182 16.59 -15.76 -30.02
N SER B 183 17.90 -15.93 -30.04
CA SER B 183 18.48 -17.18 -30.52
C SER B 183 19.04 -18.06 -29.40
N LYS B 184 18.89 -17.62 -28.15
CA LYS B 184 19.37 -18.40 -27.02
C LYS B 184 18.80 -19.81 -27.08
N PRO B 185 19.66 -20.83 -27.17
CA PRO B 185 19.17 -22.20 -27.22
C PRO B 185 18.26 -22.58 -26.06
N GLU B 186 18.62 -22.14 -24.85
CA GLU B 186 17.81 -22.47 -23.68
C GLU B 186 16.50 -21.69 -23.60
N PHE B 187 16.20 -20.90 -24.63
CA PHE B 187 14.97 -20.13 -24.65
C PHE B 187 14.10 -20.56 -25.81
N GLN B 188 14.63 -21.47 -26.64
CA GLN B 188 13.90 -21.95 -27.81
C GLN B 188 12.59 -22.66 -27.48
N ASP B 189 12.51 -23.25 -26.30
CA ASP B 189 11.29 -23.93 -25.94
C ASP B 189 10.19 -22.94 -25.54
N PHE B 190 10.52 -21.65 -25.55
CA PHE B 190 9.55 -20.60 -25.22
C PHE B 190 8.84 -20.11 -26.47
N ASN B 191 7.73 -19.41 -26.28
CA ASN B 191 7.01 -18.81 -27.40
C ASN B 191 7.59 -17.40 -27.39
N ILE B 192 8.69 -17.20 -28.12
CA ILE B 192 9.39 -15.92 -28.17
C ILE B 192 8.76 -14.82 -29.02
N ILE B 193 8.52 -13.66 -28.40
CA ILE B 193 7.97 -12.52 -29.12
C ILE B 193 9.17 -11.60 -29.36
N GLU B 194 9.76 -11.67 -30.55
CA GLU B 194 10.92 -10.86 -30.88
C GLU B 194 10.62 -9.36 -30.90
N ILE B 195 11.47 -8.61 -30.21
CA ILE B 195 11.38 -7.16 -30.08
C ILE B 195 12.60 -6.49 -30.73
N PRO B 196 12.36 -5.51 -31.62
CA PRO B 196 13.48 -4.83 -32.29
C PRO B 196 14.47 -4.23 -31.29
N GLU B 197 15.71 -4.09 -31.73
CA GLU B 197 16.78 -3.54 -30.88
C GLU B 197 16.40 -2.17 -30.30
N GLU B 198 15.73 -1.33 -31.08
CA GLU B 198 15.35 -0.02 -30.60
C GLU B 198 14.36 -0.08 -29.45
N GLU B 199 13.25 -0.78 -29.66
CA GLU B 199 12.23 -0.91 -28.63
C GLU B 199 12.59 -1.87 -27.51
N SER B 200 13.89 -1.99 -27.23
CA SER B 200 14.37 -2.89 -26.19
C SER B 200 13.83 -2.52 -24.81
N TYR B 201 13.73 -1.23 -24.54
CA TYR B 201 13.23 -0.74 -23.27
C TYR B 201 11.76 -1.16 -23.06
N ALA B 202 11.07 -1.42 -24.16
CA ALA B 202 9.66 -1.82 -24.10
C ALA B 202 9.52 -3.21 -23.47
N ALA B 203 10.62 -3.97 -23.50
CA ALA B 203 10.63 -5.31 -22.92
C ALA B 203 10.79 -5.21 -21.41
N ASN B 204 11.07 -4.01 -20.92
CA ASN B 204 11.20 -3.77 -19.48
C ASN B 204 9.76 -3.59 -19.01
N CYS B 205 9.02 -4.70 -18.94
CA CYS B 205 7.62 -4.65 -18.51
C CYS B 205 7.36 -5.76 -17.50
N ILE B 206 6.15 -5.77 -16.94
CA ILE B 206 5.80 -6.79 -15.96
C ILE B 206 4.40 -7.37 -16.11
N TRP B 207 4.31 -8.67 -15.85
CA TRP B 207 3.04 -9.40 -15.88
C TRP B 207 2.49 -9.39 -14.46
N VAL B 208 1.23 -8.96 -14.29
CA VAL B 208 0.60 -9.00 -12.98
C VAL B 208 -0.82 -9.48 -13.22
N ASN B 209 -1.06 -10.75 -12.93
CA ASN B 209 -2.37 -11.34 -13.09
C ASN B 209 -3.04 -11.14 -14.43
N GLU B 210 -2.29 -11.41 -15.51
CA GLU B 210 -2.77 -11.31 -16.88
C GLU B 210 -2.88 -9.88 -17.42
N ARG B 211 -2.40 -8.91 -16.63
CA ARG B 211 -2.36 -7.53 -17.09
C ARG B 211 -0.85 -7.38 -17.29
N VAL B 212 -0.43 -6.65 -18.31
CA VAL B 212 1.00 -6.43 -18.53
C VAL B 212 1.19 -4.93 -18.50
N ILE B 213 2.02 -4.48 -17.56
CA ILE B 213 2.32 -3.06 -17.41
C ILE B 213 3.65 -2.79 -18.12
N MET B 214 3.61 -1.90 -19.10
CA MET B 214 4.79 -1.57 -19.91
C MET B 214 4.96 -0.06 -20.04
N PRO B 215 6.19 0.41 -20.29
CA PRO B 215 6.38 1.86 -20.44
C PRO B 215 5.56 2.34 -21.65
N ALA B 216 5.09 3.58 -21.62
CA ALA B 216 4.33 4.10 -22.74
C ALA B 216 5.31 4.56 -23.81
N GLY B 217 4.86 4.64 -25.06
CA GLY B 217 5.72 5.09 -26.13
C GLY B 217 6.22 4.04 -27.11
N TYR B 218 5.66 2.83 -27.05
CA TYR B 218 6.08 1.77 -27.96
C TYR B 218 4.88 0.99 -28.44
N PRO B 219 4.05 1.61 -29.30
CA PRO B 219 2.85 0.96 -29.83
C PRO B 219 3.08 -0.38 -30.54
N ARG B 220 4.17 -0.48 -31.29
CA ARG B 220 4.48 -1.71 -32.01
C ARG B 220 4.59 -2.89 -31.05
N THR B 221 5.33 -2.73 -29.96
CA THR B 221 5.47 -3.80 -28.97
C THR B 221 4.12 -3.98 -28.25
N ARG B 222 3.51 -2.88 -27.83
CA ARG B 222 2.21 -2.92 -27.15
C ARG B 222 1.24 -3.81 -27.93
N GLU B 223 1.27 -3.68 -29.25
CA GLU B 223 0.40 -4.46 -30.12
C GLU B 223 0.69 -5.95 -30.01
N LYS B 224 1.98 -6.31 -30.04
CA LYS B 224 2.38 -7.72 -29.95
C LYS B 224 1.94 -8.33 -28.62
N ILE B 225 2.13 -7.61 -27.52
CA ILE B 225 1.73 -8.11 -26.21
C ILE B 225 0.20 -8.26 -26.16
N ALA B 226 -0.50 -7.24 -26.68
CA ALA B 226 -1.97 -7.26 -26.70
C ALA B 226 -2.54 -8.41 -27.54
N ARG B 227 -1.89 -8.74 -28.65
CA ARG B 227 -2.36 -9.83 -29.51
C ARG B 227 -2.44 -11.13 -28.74
N LEU B 228 -1.59 -11.25 -27.73
CA LEU B 228 -1.54 -12.46 -26.93
C LEU B 228 -2.76 -12.63 -26.01
N GLY B 229 -3.57 -11.59 -25.88
CA GLY B 229 -4.76 -11.67 -25.05
C GLY B 229 -4.69 -10.97 -23.70
N TYR B 230 -3.50 -10.47 -23.34
CA TYR B 230 -3.32 -9.78 -22.07
C TYR B 230 -3.96 -8.40 -22.12
N ARG B 231 -4.21 -7.85 -20.94
CA ARG B 231 -4.74 -6.50 -20.83
C ARG B 231 -3.51 -5.63 -20.61
N VAL B 232 -3.18 -4.82 -21.60
CA VAL B 232 -2.00 -3.96 -21.51
C VAL B 232 -2.30 -2.61 -20.89
N ILE B 233 -1.45 -2.20 -19.96
CA ILE B 233 -1.57 -0.92 -19.28
C ILE B 233 -0.24 -0.22 -19.50
N GLU B 234 -0.30 0.91 -20.19
CA GLU B 234 0.90 1.67 -20.47
C GLU B 234 1.10 2.72 -19.39
N VAL B 235 2.34 2.87 -18.94
CA VAL B 235 2.68 3.84 -17.91
C VAL B 235 3.97 4.49 -18.36
N ASP B 236 3.97 5.82 -18.36
CA ASP B 236 5.16 6.54 -18.76
C ASP B 236 6.15 6.57 -17.60
N THR B 237 7.36 6.08 -17.86
CA THR B 237 8.41 6.04 -16.84
C THR B 237 9.70 6.65 -17.37
N SER B 238 9.54 7.73 -18.14
CA SER B 238 10.66 8.44 -18.76
C SER B 238 11.75 8.82 -17.77
N GLU B 239 11.36 9.31 -16.59
CA GLU B 239 12.32 9.72 -15.58
C GLU B 239 13.18 8.56 -15.08
N TYR B 240 12.60 7.37 -15.02
CA TYR B 240 13.33 6.19 -14.57
C TYR B 240 14.17 5.60 -15.70
N ARG B 241 13.77 5.87 -16.93
CA ARG B 241 14.49 5.40 -18.10
C ARG B 241 15.84 6.11 -18.18
N LYS B 242 15.89 7.30 -17.57
CA LYS B 242 17.11 8.13 -17.56
C LYS B 242 18.19 7.55 -16.64
N ILE B 243 17.78 6.69 -15.72
CA ILE B 243 18.73 6.06 -14.81
C ILE B 243 18.67 4.54 -14.94
N ASP B 244 18.41 4.08 -16.17
CA ASP B 244 18.32 2.67 -16.50
C ASP B 244 17.24 1.86 -15.75
N GLY B 245 16.28 2.55 -15.13
CA GLY B 245 15.24 1.87 -14.39
C GLY B 245 13.93 1.72 -15.16
N GLY B 246 13.13 0.73 -14.78
CA GLY B 246 11.85 0.48 -15.44
C GLY B 246 10.80 -0.09 -14.49
N VAL B 247 9.63 -0.43 -15.00
CA VAL B 247 8.55 -0.95 -14.18
C VAL B 247 8.91 -2.22 -13.41
N SER B 248 9.72 -3.10 -13.99
CA SER B 248 10.07 -4.34 -13.30
C SER B 248 10.94 -4.10 -12.06
N CYS B 249 11.70 -3.02 -12.07
CA CYS B 249 12.59 -2.69 -10.97
C CYS B 249 11.90 -2.02 -9.79
N MET B 250 10.73 -1.46 -10.04
CA MET B 250 10.02 -0.71 -9.02
C MET B 250 9.06 -1.46 -8.09
N SER B 251 9.01 -2.78 -8.19
CA SER B 251 8.13 -3.52 -7.30
C SER B 251 8.51 -4.99 -7.12
N LEU B 252 8.00 -5.54 -6.03
CA LEU B 252 8.17 -6.94 -5.67
C LEU B 252 6.76 -7.49 -5.84
N ARG B 253 6.67 -8.65 -6.48
CA ARG B 253 5.38 -9.26 -6.76
C ARG B 253 5.38 -10.72 -6.30
N PHE B 254 4.39 -11.10 -5.49
CA PHE B 254 4.32 -12.47 -4.99
C PHE B 254 2.92 -12.89 -4.52
C1 HM3 C . -20.87 8.10 8.71
N1 HM3 C . -19.68 6.38 7.36
C2 HM3 C . -19.59 7.47 8.15
C3 HM3 C . -18.35 8.01 8.47
C4 HM3 C . -17.20 7.42 7.95
C5 HM3 C . -17.34 6.30 7.14
C6 HM3 C . -18.60 5.81 6.86
O1 HM3 C . -21.83 7.10 9.04
C1 HM3 D . 19.40 -1.31 -14.52
N1 HM3 D . 18.49 -0.34 -12.42
C2 HM3 D . 18.26 -1.04 -13.54
C3 HM3 D . 16.98 -1.53 -13.82
C4 HM3 D . 15.94 -1.27 -12.92
C5 HM3 D . 16.24 -0.54 -11.78
C6 HM3 D . 17.53 -0.09 -11.55
O1 HM3 D . 20.11 -2.50 -14.17
#